data_2BOB
#
_entry.id   2BOB
#
_cell.length_a   155.267
_cell.length_b   155.267
_cell.length_c   75.555
_cell.angle_alpha   90.00
_cell.angle_beta   90.00
_cell.angle_gamma   90.00
#
_symmetry.space_group_name_H-M   'I 4'
#
loop_
_entity.id
_entity.type
_entity.pdbx_description
1 polymer 'ANTIBODY FAB FRAGMENT HEAVY CHAIN'
2 polymer 'ANTIBODY FAB FRAGMENT LIGHT CHAIN'
3 polymer 'POTASSIUM CHANNEL KCSA'
4 non-polymer 'THALLIUM (I) ION'
5 non-polymer 'COBALT (II) ION'
6 non-polymer 'TETRABUTYLAMMONIUM ION'
7 water water
#
loop_
_entity_poly.entity_id
_entity_poly.type
_entity_poly.pdbx_seq_one_letter_code
_entity_poly.pdbx_strand_id
1 'polypeptide(L)'
;QVQLQQPGAELVKPGASVKLSCKASGYTFTSDWIHWVKQRPGHGLEWIGEIIPSYGRANYNEKIQKKATLTADKSSSTAF
MQLSSLTSEDSAVYYCARERGDGYFAVWGAGTTVTVSSAKTTPPSVYPLAPGSAAQTNSMVTLGCLVKGYFPEPVTVTWN
SGSLSSGVHTFPAVLQSDLYTLSSSVTVPSSSWPSETVTCNVAHPASSTKVDKKIVPRD
;
A
2 'polypeptide(L)'
;DILLTQSPAILSVSPGERVSFSCRASQSIGTDIHWYQQRTNGSPRLLIKYASESISGIPSRFSGSGSGTDFTLSINSVES
EDIANYYCQQSNRWPFTFGSGTKLEIKRADAAPTVSIFPPSSEQLTSGGASVVCFLNNFYPKDINVKWKIDGSERQNGVL
NSWTDQDSKDSTYSMSSTLTLTKDEYERHNSYTCEATHKTSTSPIVKSFNRN
;
B
3 'polypeptide(L)'
;MAPMLSGLLARLVKLLLGRHGSALHWRAAGAATVLLVIVLLAGSYLAVLAERGAPGAQLITYPRALWWSVETATTVGYGD
LYPVTLWGRCVAVVVMVAGITSFGLVTAALATWFVGREQERRGH
;
C
#
loop_
_chem_comp.id
_chem_comp.type
_chem_comp.name
_chem_comp.formula
CO non-polymer 'COBALT (II) ION' 'Co 2'
TBA non-polymer 'TETRABUTYLAMMONIUM ION' 'C16 H36 N 1'
TL non-polymer 'THALLIUM (I) ION' 'Tl 1'
#
# COMPACT_ATOMS: atom_id res chain seq x y z
N GLN A 1 9.25 -12.29 -9.09
CA GLN A 1 8.01 -12.85 -8.46
C GLN A 1 7.49 -12.00 -7.26
N VAL A 2 6.27 -12.31 -6.81
CA VAL A 2 5.67 -11.70 -5.61
C VAL A 2 6.35 -12.27 -4.39
N GLN A 3 6.62 -11.39 -3.41
CA GLN A 3 7.46 -11.76 -2.27
C GLN A 3 6.71 -11.93 -0.96
N LEU A 4 5.67 -11.13 -0.74
CA LEU A 4 4.82 -11.29 0.45
C LEU A 4 3.43 -11.66 0.01
N GLN A 5 2.91 -12.75 0.55
CA GLN A 5 1.61 -13.26 0.18
C GLN A 5 0.67 -13.18 1.35
N GLN A 6 -0.34 -12.32 1.25
CA GLN A 6 -1.37 -12.24 2.26
C GLN A 6 -2.70 -12.69 1.67
N PRO A 7 -3.51 -13.42 2.44
CA PRO A 7 -4.91 -13.65 2.09
C PRO A 7 -5.66 -12.36 1.77
N GLY A 8 -6.54 -12.41 0.78
CA GLY A 8 -7.30 -11.24 0.37
C GLY A 8 -8.17 -10.64 1.45
N ALA A 9 -8.88 -11.48 2.20
CA ALA A 9 -9.86 -10.96 3.18
C ALA A 9 -10.11 -11.88 4.39
N GLU A 10 -10.71 -11.32 5.43
CA GLU A 10 -11.12 -12.08 6.60
C GLU A 10 -12.33 -11.42 7.26
N LEU A 11 -13.48 -12.10 7.26
CA LEU A 11 -14.63 -11.65 8.05
C LEU A 11 -14.45 -12.12 9.48
N VAL A 12 -14.75 -11.25 10.43
CA VAL A 12 -14.60 -11.55 11.85
C VAL A 12 -15.82 -11.00 12.60
N LYS A 13 -16.26 -11.73 13.62
CA LYS A 13 -17.40 -11.31 14.43
C LYS A 13 -16.93 -10.43 15.60
N PRO A 14 -17.68 -9.39 15.97
CA PRO A 14 -17.35 -8.62 17.17
C PRO A 14 -16.95 -9.51 18.32
N GLY A 15 -15.80 -9.22 18.93
CA GLY A 15 -15.28 -10.03 20.03
C GLY A 15 -14.40 -11.19 19.57
N ALA A 16 -14.67 -11.72 18.38
CA ALA A 16 -13.84 -12.77 17.80
C ALA A 16 -12.40 -12.28 17.57
N SER A 17 -11.56 -13.20 17.11
CA SER A 17 -10.19 -12.89 16.82
C SER A 17 -9.73 -13.65 15.59
N VAL A 18 -8.90 -13.01 14.77
CA VAL A 18 -8.42 -13.60 13.53
C VAL A 18 -6.90 -13.59 13.55
N LYS A 19 -6.31 -14.48 12.77
CA LYS A 19 -4.88 -14.64 12.68
C LYS A 19 -4.52 -14.46 11.21
N LEU A 20 -3.99 -13.28 10.84
CA LEU A 20 -3.60 -13.03 9.44
C LEU A 20 -2.25 -13.62 9.22
N SER A 21 -1.96 -13.95 7.97
CA SER A 21 -0.69 -14.55 7.61
C SER A 21 0.01 -13.73 6.54
N CYS A 22 1.30 -13.97 6.39
CA CYS A 22 2.14 -13.21 5.47
C CYS A 22 3.32 -14.10 5.12
N LYS A 23 3.27 -14.64 3.90
CA LYS A 23 4.14 -15.72 3.48
C LYS A 23 5.24 -15.14 2.60
N ALA A 24 6.49 -15.36 3.02
CA ALA A 24 7.62 -14.69 2.39
C ALA A 24 8.35 -15.58 1.38
N SER A 25 9.01 -14.93 0.43
CA SER A 25 9.86 -15.60 -0.56
C SER A 25 10.90 -14.60 -1.12
N GLY A 26 11.83 -15.09 -1.92
CA GLY A 26 13.00 -14.29 -2.31
C GLY A 26 14.07 -14.30 -1.22
N TYR A 27 15.03 -13.39 -1.34
CA TYR A 27 16.17 -13.35 -0.41
C TYR A 27 15.69 -13.22 1.03
N THR A 28 15.91 -14.29 1.80
CA THR A 28 15.80 -14.25 3.25
C THR A 28 17.16 -13.85 3.82
N PHE A 29 17.15 -12.98 4.82
CA PHE A 29 18.30 -12.81 5.70
C PHE A 29 17.75 -12.99 7.10
N THR A 30 18.61 -13.43 8.03
CA THR A 30 18.21 -13.53 9.46
C THR A 30 18.16 -12.11 10.06
N SER A 31 18.74 -11.15 9.36
CA SER A 31 18.63 -9.76 9.71
C SER A 31 17.30 -9.14 9.20
N ASP A 32 16.42 -9.93 8.61
CA ASP A 32 15.15 -9.41 8.09
C ASP A 32 14.13 -9.16 9.21
N TRP A 33 13.47 -8.00 9.13
CA TRP A 33 12.30 -7.71 9.97
C TRP A 33 11.06 -7.70 9.09
N ILE A 34 9.94 -8.16 9.64
CA ILE A 34 8.64 -8.09 8.98
C ILE A 34 7.78 -7.10 9.77
N HIS A 35 7.15 -6.17 9.07
CA HIS A 35 6.29 -5.15 9.71
C HIS A 35 4.84 -5.30 9.31
N TRP A 36 3.95 -4.74 10.13
CA TRP A 36 2.52 -4.79 9.89
C TRP A 36 1.94 -3.39 9.97
N VAL A 37 1.19 -3.02 8.94
CA VAL A 37 0.69 -1.67 8.84
C VAL A 37 -0.82 -1.67 8.61
N LYS A 38 -1.52 -0.83 9.37
CA LYS A 38 -2.98 -0.72 9.34
C LYS A 38 -3.42 0.51 8.55
N GLN A 39 -4.40 0.32 7.67
CA GLN A 39 -4.94 1.39 6.87
C GLN A 39 -6.47 1.28 6.87
N ARG A 40 -7.12 2.16 7.62
CA ARG A 40 -8.56 2.27 7.59
C ARG A 40 -8.94 2.99 6.28
N PRO A 41 -10.12 2.63 5.73
CA PRO A 41 -10.55 3.16 4.44
C PRO A 41 -10.71 4.67 4.53
N GLY A 42 -9.89 5.41 3.81
CA GLY A 42 -9.91 6.88 3.86
C GLY A 42 -8.72 7.41 4.61
N HIS A 43 -8.49 6.87 5.81
CA HIS A 43 -7.30 7.22 6.59
C HIS A 43 -6.00 6.77 5.91
N GLY A 44 -4.87 7.15 6.49
CA GLY A 44 -3.56 6.75 5.99
C GLY A 44 -2.95 5.58 6.74
N LEU A 45 -1.62 5.48 6.68
CA LEU A 45 -0.88 4.33 7.16
C LEU A 45 -0.53 4.44 8.62
N GLU A 46 -0.53 3.31 9.31
CA GLU A 46 -0.29 3.28 10.73
C GLU A 46 0.51 2.04 11.13
N TRP A 47 1.70 2.27 11.63
CA TRP A 47 2.57 1.19 12.03
C TRP A 47 2.00 0.49 13.25
N ILE A 48 1.93 -0.83 13.20
CA ILE A 48 1.40 -1.63 14.31
C ILE A 48 2.54 -2.25 15.11
N GLY A 49 3.45 -2.93 14.41
CA GLY A 49 4.54 -3.58 15.09
C GLY A 49 5.41 -4.36 14.14
N GLU A 50 6.45 -4.96 14.70
CA GLU A 50 7.49 -5.62 13.92
C GLU A 50 7.93 -6.91 14.61
N ILE A 51 8.49 -7.81 13.82
CA ILE A 51 9.10 -9.03 14.36
C ILE A 51 10.35 -9.36 13.55
N ILE A 52 11.36 -9.88 14.24
CA ILE A 52 12.50 -10.48 13.54
C ILE A 52 12.30 -11.98 13.67
N PRO A 53 11.88 -12.63 12.57
CA PRO A 53 11.46 -14.02 12.64
C PRO A 53 12.56 -14.95 13.11
N SER A 54 13.79 -14.72 12.66
CA SER A 54 14.94 -15.57 13.03
C SER A 54 15.34 -15.40 14.52
N TYR A 55 14.36 -15.18 15.38
CA TYR A 55 14.61 -14.83 16.78
C TYR A 55 13.29 -14.66 17.57
N GLY A 56 12.25 -14.21 16.89
CA GLY A 56 10.90 -14.18 17.46
C GLY A 56 10.63 -12.95 18.30
N ARG A 57 11.57 -12.00 18.30
CA ARG A 57 11.42 -10.81 19.10
C ARG A 57 10.49 -9.88 18.35
N ALA A 58 9.43 -9.45 19.03
CA ALA A 58 8.45 -8.56 18.46
C ALA A 58 8.32 -7.28 19.27
N ASN A 59 8.21 -6.14 18.57
CA ASN A 59 7.95 -4.85 19.19
C ASN A 59 6.65 -4.26 18.63
N TYR A 60 5.97 -3.46 19.46
CA TYR A 60 4.64 -2.98 19.12
C TYR A 60 4.52 -1.47 19.26
N ASN A 61 3.76 -0.89 18.35
CA ASN A 61 3.29 0.48 18.50
C ASN A 61 2.58 0.62 19.86
N GLU A 62 3.24 1.32 20.78
CA GLU A 62 2.71 1.55 22.13
C GLU A 62 1.69 2.69 22.22
N LYS A 63 1.67 3.59 21.23
CA LYS A 63 0.70 4.73 21.21
C LYS A 63 -0.75 4.29 21.09
N ILE A 64 -1.00 3.06 20.62
CA ILE A 64 -2.36 2.57 20.43
C ILE A 64 -2.69 1.31 21.23
N GLN A 65 -4.00 1.09 21.39
CA GLN A 65 -4.53 -0.06 22.11
C GLN A 65 -3.96 -1.34 21.51
N LYS A 66 -3.29 -2.14 22.33
CA LYS A 66 -2.71 -3.39 21.85
C LYS A 66 -3.78 -4.45 21.53
N LYS A 67 -4.04 -4.64 20.24
CA LYS A 67 -4.89 -5.72 19.72
C LYS A 67 -4.06 -6.86 19.11
N ALA A 68 -2.78 -6.62 18.79
CA ALA A 68 -1.98 -7.56 17.99
C ALA A 68 -0.95 -8.37 18.78
N THR A 69 -0.65 -9.56 18.28
CA THR A 69 0.40 -10.42 18.77
C THR A 69 1.16 -10.99 17.58
N LEU A 70 2.46 -10.71 17.53
CA LEU A 70 3.27 -11.15 16.41
C LEU A 70 4.05 -12.43 16.71
N THR A 71 4.09 -13.30 15.71
CA THR A 71 4.78 -14.57 15.77
C THR A 71 5.22 -14.88 14.35
N ALA A 72 6.18 -15.78 14.23
CA ALA A 72 6.60 -16.24 12.94
C ALA A 72 6.96 -17.71 13.02
N ASP A 73 6.99 -18.33 11.85
CA ASP A 73 7.35 -19.72 11.71
C ASP A 73 8.54 -19.73 10.76
N LYS A 74 9.70 -19.96 11.35
CA LYS A 74 10.99 -19.85 10.67
C LYS A 74 11.06 -20.74 9.40
N SER A 75 10.42 -21.91 9.46
CA SER A 75 10.52 -22.93 8.42
C SER A 75 9.67 -22.64 7.18
N SER A 76 8.41 -22.27 7.37
CA SER A 76 7.55 -21.84 6.25
C SER A 76 7.78 -20.36 5.87
N SER A 77 8.70 -19.70 6.58
CA SER A 77 8.94 -18.26 6.49
C SER A 77 7.63 -17.48 6.32
N THR A 78 6.77 -17.67 7.31
CA THR A 78 5.48 -17.00 7.37
C THR A 78 5.32 -16.27 8.70
N ALA A 79 4.93 -14.99 8.62
CA ALA A 79 4.66 -14.19 9.82
C ALA A 79 3.16 -14.13 10.06
N PHE A 80 2.78 -14.26 11.33
CA PHE A 80 1.38 -14.25 11.71
C PHE A 80 1.08 -13.07 12.62
N MET A 81 0.07 -12.29 12.27
CA MET A 81 -0.43 -11.31 13.19
C MET A 81 -1.72 -11.83 13.73
N GLN A 82 -1.88 -11.77 15.04
CA GLN A 82 -3.02 -12.31 15.75
C GLN A 82 -3.79 -11.13 16.35
N LEU A 83 -4.77 -10.64 15.61
CA LEU A 83 -5.64 -9.56 16.08
C LEU A 83 -6.78 -10.18 16.90
N SER A 84 -7.07 -9.63 18.09
CA SER A 84 -8.08 -10.25 18.98
C SER A 84 -9.04 -9.27 19.67
N SER A 85 -10.20 -9.81 20.10
CA SER A 85 -11.31 -9.01 20.62
C SER A 85 -11.55 -7.74 19.82
N LEU A 86 -11.90 -7.95 18.55
CA LEU A 86 -12.00 -6.85 17.59
C LEU A 86 -13.36 -6.16 17.64
N THR A 87 -13.39 -4.92 17.16
CA THR A 87 -14.62 -4.17 17.01
C THR A 87 -14.56 -3.51 15.65
N SER A 88 -15.60 -2.74 15.30
CA SER A 88 -15.67 -2.04 14.02
C SER A 88 -14.47 -1.13 13.83
N GLU A 89 -14.00 -0.55 14.93
CA GLU A 89 -12.73 0.18 14.99
C GLU A 89 -11.57 -0.54 14.27
N ASP A 90 -11.55 -1.88 14.30
CA ASP A 90 -10.45 -2.66 13.72
C ASP A 90 -10.63 -3.09 12.26
N SER A 91 -11.76 -2.74 11.66
CA SER A 91 -11.98 -2.99 10.24
C SER A 91 -11.03 -2.09 9.43
N ALA A 92 -10.18 -2.74 8.63
CA ALA A 92 -9.12 -2.06 7.87
C ALA A 92 -8.39 -3.02 6.92
N VAL A 93 -7.54 -2.48 6.06
CA VAL A 93 -6.59 -3.31 5.32
C VAL A 93 -5.32 -3.39 6.15
N TYR A 94 -4.80 -4.60 6.32
CA TYR A 94 -3.55 -4.81 7.04
C TYR A 94 -2.49 -5.26 6.06
N TYR A 95 -1.49 -4.40 5.86
CA TYR A 95 -0.33 -4.74 5.04
C TYR A 95 0.74 -5.34 5.92
N CYS A 96 1.53 -6.23 5.34
CA CYS A 96 2.81 -6.63 5.91
C CYS A 96 3.86 -6.21 4.90
N ALA A 97 5.04 -5.84 5.42
CA ALA A 97 6.14 -5.39 4.59
C ALA A 97 7.42 -6.02 5.09
N ARG A 98 8.49 -5.93 4.31
CA ARG A 98 9.77 -6.43 4.74
C ARG A 98 10.85 -5.35 4.71
N GLU A 99 11.62 -5.32 5.81
CA GLU A 99 12.68 -4.36 6.05
C GLU A 99 13.97 -5.11 6.34
N ARG A 100 15.07 -4.72 5.68
CA ARG A 100 16.36 -5.39 5.87
C ARG A 100 17.15 -4.81 7.06
N GLY A 101 16.48 -4.35 8.11
CA GLY A 101 17.15 -3.62 9.18
C GLY A 101 17.92 -2.39 8.72
N ASP A 102 17.41 -1.71 7.69
CA ASP A 102 17.95 -0.41 7.26
C ASP A 102 16.86 0.66 7.10
N GLY A 103 15.70 0.39 7.70
CA GLY A 103 14.74 1.45 8.01
C GLY A 103 13.65 1.72 7.01
N TYR A 104 13.65 1.02 5.89
CA TYR A 104 12.64 1.28 4.86
C TYR A 104 12.00 0.00 4.33
N PHE A 105 10.77 0.16 3.86
CA PHE A 105 9.93 -0.97 3.46
C PHE A 105 10.05 -1.20 1.97
N ALA A 106 11.04 -2.02 1.62
CA ALA A 106 11.32 -2.39 0.24
C ALA A 106 10.08 -2.93 -0.47
N VAL A 107 9.54 -4.02 0.05
CA VAL A 107 8.39 -4.72 -0.52
C VAL A 107 7.24 -4.77 0.46
N TRP A 108 6.02 -4.77 -0.08
CA TRP A 108 4.79 -4.84 0.71
C TRP A 108 3.90 -5.96 0.18
N GLY A 109 3.19 -6.61 1.10
CA GLY A 109 2.09 -7.51 0.74
C GLY A 109 0.94 -6.72 0.12
N ALA A 110 0.05 -7.42 -0.54
CA ALA A 110 -1.04 -6.80 -1.27
C ALA A 110 -2.17 -6.38 -0.32
N GLY A 111 -2.15 -6.93 0.89
CA GLY A 111 -3.02 -6.49 1.97
C GLY A 111 -4.13 -7.47 2.24
N THR A 112 -4.61 -7.49 3.48
CA THR A 112 -5.75 -8.32 3.86
C THR A 112 -6.86 -7.45 4.41
N THR A 113 -8.01 -7.48 3.76
CA THR A 113 -9.14 -6.67 4.18
C THR A 113 -9.90 -7.36 5.30
N VAL A 114 -9.62 -6.98 6.53
CA VAL A 114 -10.34 -7.53 7.67
C VAL A 114 -11.61 -6.70 7.84
N THR A 115 -12.75 -7.38 7.79
CA THR A 115 -14.06 -6.77 8.04
C THR A 115 -14.64 -7.37 9.33
N VAL A 116 -15.18 -6.52 10.18
CA VAL A 116 -15.75 -6.92 11.47
C VAL A 116 -17.25 -6.60 11.52
N SER A 117 -18.08 -7.61 11.25
CA SER A 117 -19.52 -7.53 11.50
C SER A 117 -20.14 -8.91 11.68
N SER A 118 -21.39 -8.93 12.13
CA SER A 118 -22.13 -10.18 12.39
C SER A 118 -22.57 -10.82 11.08
N ALA A 119 -22.82 -9.97 10.09
CA ALA A 119 -23.37 -10.36 8.79
C ALA A 119 -22.59 -11.49 8.14
N LYS A 120 -23.23 -12.14 7.16
CA LYS A 120 -22.74 -13.39 6.60
C LYS A 120 -22.13 -13.25 5.22
N THR A 121 -21.16 -14.12 4.95
CA THR A 121 -20.50 -14.16 3.68
C THR A 121 -21.50 -14.44 2.55
N THR A 122 -21.44 -13.63 1.52
CA THR A 122 -22.30 -13.77 0.36
C THR A 122 -21.41 -13.58 -0.86
N PRO A 123 -21.28 -14.60 -1.71
CA PRO A 123 -20.61 -14.40 -2.98
C PRO A 123 -21.48 -13.53 -3.87
N PRO A 124 -20.88 -12.87 -4.84
CA PRO A 124 -21.61 -11.96 -5.70
C PRO A 124 -22.40 -12.68 -6.80
N SER A 125 -23.36 -11.97 -7.39
CA SER A 125 -23.99 -12.38 -8.65
C SER A 125 -23.46 -11.45 -9.70
N VAL A 126 -23.00 -12.00 -10.82
CA VAL A 126 -22.37 -11.18 -11.85
C VAL A 126 -23.21 -11.13 -13.11
N TYR A 127 -23.76 -9.96 -13.42
CA TYR A 127 -24.63 -9.80 -14.58
C TYR A 127 -23.96 -8.97 -15.65
N PRO A 128 -24.01 -9.41 -16.91
CA PRO A 128 -23.46 -8.64 -18.01
C PRO A 128 -24.20 -7.32 -18.23
N LEU A 129 -23.51 -6.41 -18.93
CA LEU A 129 -24.07 -5.13 -19.32
C LEU A 129 -23.59 -4.84 -20.73
N ALA A 130 -24.41 -5.23 -21.70
CA ALA A 130 -24.16 -4.92 -23.11
C ALA A 130 -25.20 -3.92 -23.56
N PRO A 131 -24.90 -3.15 -24.60
CA PRO A 131 -25.85 -2.14 -25.05
C PRO A 131 -27.18 -2.75 -25.50
N GLY A 132 -28.25 -1.95 -25.43
CA GLY A 132 -29.52 -2.31 -26.05
C GLY A 132 -29.41 -2.15 -27.57
N SER A 133 -30.20 -2.93 -28.30
CA SER A 133 -30.08 -3.00 -29.77
C SER A 133 -30.42 -1.69 -30.52
N ALA A 134 -31.08 -0.73 -29.87
CA ALA A 134 -31.37 0.55 -30.52
C ALA A 134 -30.40 1.67 -30.11
N ALA A 135 -29.15 1.30 -29.81
CA ALA A 135 -28.11 2.27 -29.40
C ALA A 135 -27.03 2.42 -30.46
N GLN A 136 -26.89 3.63 -31.01
CA GLN A 136 -25.86 3.93 -32.01
C GLN A 136 -24.45 3.70 -31.46
N THR A 137 -23.43 3.82 -32.32
CA THR A 137 -22.04 3.60 -31.88
C THR A 137 -20.97 4.37 -32.66
N ASN A 138 -19.97 4.83 -31.91
CA ASN A 138 -18.78 5.50 -32.42
C ASN A 138 -17.72 4.42 -32.68
N SER A 139 -16.58 4.81 -33.26
CA SER A 139 -15.36 3.97 -33.29
C SER A 139 -15.05 3.18 -32.02
N MET A 140 -15.57 3.63 -30.88
CA MET A 140 -15.38 2.95 -29.59
C MET A 140 -16.72 2.40 -29.06
N VAL A 141 -16.64 1.36 -28.22
CA VAL A 141 -17.82 0.76 -27.61
C VAL A 141 -17.59 0.45 -26.12
N THR A 142 -18.61 0.72 -25.30
CA THR A 142 -18.53 0.52 -23.86
C THR A 142 -19.41 -0.62 -23.37
N LEU A 143 -18.74 -1.63 -22.85
CA LEU A 143 -19.39 -2.75 -22.18
C LEU A 143 -19.08 -2.68 -20.69
N GLY A 144 -19.58 -3.63 -19.95
CA GLY A 144 -19.32 -3.68 -18.53
C GLY A 144 -20.00 -4.89 -17.94
N CYS A 145 -19.87 -5.05 -16.64
CA CYS A 145 -20.61 -6.09 -15.95
C CYS A 145 -20.77 -5.71 -14.48
N LEU A 146 -21.76 -6.31 -13.81
CA LEU A 146 -22.28 -5.80 -12.56
C LEU A 146 -22.25 -6.83 -11.44
N VAL A 147 -21.37 -6.59 -10.47
CA VAL A 147 -21.17 -7.46 -9.33
C VAL A 147 -22.12 -6.98 -8.25
N LYS A 148 -23.04 -7.85 -7.84
CA LYS A 148 -24.12 -7.46 -6.92
C LYS A 148 -24.34 -8.45 -5.80
N GLY A 149 -24.78 -7.92 -4.66
CA GLY A 149 -25.16 -8.72 -3.52
C GLY A 149 -24.01 -9.56 -2.99
N TYR A 150 -22.94 -8.91 -2.54
CA TYR A 150 -21.83 -9.60 -1.87
C TYR A 150 -21.43 -9.00 -0.54
N PHE A 151 -20.81 -9.83 0.28
CA PHE A 151 -20.27 -9.43 1.57
C PHE A 151 -19.21 -10.44 1.95
N PRO A 152 -18.06 -10.00 2.48
CA PRO A 152 -17.71 -8.61 2.66
C PRO A 152 -16.91 -8.15 1.45
N GLU A 153 -16.32 -6.96 1.53
CA GLU A 153 -15.32 -6.52 0.55
C GLU A 153 -14.07 -7.41 0.70
N PRO A 154 -13.15 -7.40 -0.26
CA PRO A 154 -13.29 -6.75 -1.55
C PRO A 154 -13.60 -7.73 -2.69
N VAL A 155 -13.67 -7.20 -3.90
CA VAL A 155 -13.68 -8.01 -5.11
C VAL A 155 -12.71 -7.44 -6.13
N THR A 156 -11.96 -8.31 -6.79
CA THR A 156 -11.09 -7.91 -7.90
C THR A 156 -11.79 -8.22 -9.21
N VAL A 157 -12.08 -7.19 -10.00
CA VAL A 157 -12.66 -7.38 -11.33
C VAL A 157 -11.60 -7.15 -12.39
N THR A 158 -11.31 -8.19 -13.17
CA THR A 158 -10.41 -8.09 -14.34
C THR A 158 -11.18 -8.34 -15.65
N TRP A 159 -10.54 -8.03 -16.76
CA TRP A 159 -11.14 -8.18 -18.09
C TRP A 159 -10.23 -8.98 -19.03
N ASN A 160 -10.75 -10.12 -19.50
CA ASN A 160 -9.97 -11.15 -20.21
C ASN A 160 -8.77 -11.63 -19.39
N SER A 161 -9.01 -11.84 -18.10
CA SER A 161 -7.96 -12.27 -17.16
C SER A 161 -6.79 -11.29 -17.14
N GLY A 162 -7.08 -10.00 -17.05
CA GLY A 162 -6.05 -8.99 -16.90
C GLY A 162 -5.30 -8.65 -18.16
N SER A 163 -5.55 -9.39 -19.24
CA SER A 163 -4.91 -9.11 -20.54
C SER A 163 -5.39 -7.81 -21.17
N LEU A 164 -6.62 -7.41 -20.81
CA LEU A 164 -7.26 -6.21 -21.34
C LEU A 164 -7.39 -5.18 -20.23
N SER A 165 -6.47 -4.22 -20.24
CA SER A 165 -6.25 -3.36 -19.08
C SER A 165 -6.78 -1.93 -19.30
N SER A 166 -6.38 -1.30 -20.40
CA SER A 166 -6.84 0.06 -20.65
C SER A 166 -8.29 0.02 -21.12
N GLY A 167 -9.05 1.01 -20.66
CA GLY A 167 -10.49 1.08 -20.89
C GLY A 167 -11.28 0.72 -19.66
N VAL A 168 -10.60 0.26 -18.59
CA VAL A 168 -11.27 -0.25 -17.38
C VAL A 168 -11.46 0.77 -16.24
N HIS A 169 -12.71 0.90 -15.78
CA HIS A 169 -13.05 1.55 -14.50
C HIS A 169 -13.68 0.47 -13.62
N THR A 170 -13.59 0.63 -12.30
CA THR A 170 -14.35 -0.21 -11.38
C THR A 170 -14.79 0.64 -10.22
N PHE A 171 -16.09 0.86 -10.12
CA PHE A 171 -16.61 1.87 -9.22
C PHE A 171 -16.60 1.39 -7.78
N PRO A 172 -16.32 2.28 -6.84
CA PRO A 172 -16.40 1.90 -5.44
C PRO A 172 -17.76 1.31 -5.11
N ALA A 173 -17.76 0.23 -4.33
CA ALA A 173 -18.99 -0.43 -3.93
C ALA A 173 -19.87 0.50 -3.12
N VAL A 174 -21.18 0.37 -3.26
CA VAL A 174 -22.14 0.96 -2.31
C VAL A 174 -22.64 -0.15 -1.41
N LEU A 175 -22.76 0.13 -0.12
CA LEU A 175 -23.33 -0.82 0.83
C LEU A 175 -24.78 -0.44 1.07
N GLN A 176 -25.64 -1.45 1.06
CA GLN A 176 -27.04 -1.21 1.34
C GLN A 176 -27.63 -2.50 1.84
N SER A 177 -28.19 -2.44 3.05
CA SER A 177 -28.87 -3.56 3.66
C SER A 177 -27.95 -4.78 3.66
N ASP A 178 -26.72 -4.57 4.09
CA ASP A 178 -25.72 -5.63 4.37
C ASP A 178 -25.11 -6.34 3.16
N LEU A 179 -25.30 -5.80 1.96
CA LEU A 179 -24.62 -6.33 0.76
C LEU A 179 -24.03 -5.23 -0.10
N TYR A 180 -22.89 -5.54 -0.71
CA TYR A 180 -22.12 -4.58 -1.50
C TYR A 180 -22.42 -4.76 -2.98
N THR A 181 -22.37 -3.66 -3.72
CA THR A 181 -22.68 -3.65 -5.14
C THR A 181 -21.82 -2.66 -5.91
N LEU A 182 -21.23 -3.14 -7.00
CA LEU A 182 -20.49 -2.27 -7.88
C LEU A 182 -20.60 -2.75 -9.31
N SER A 183 -20.27 -1.88 -10.24
CA SER A 183 -20.16 -2.25 -11.63
C SER A 183 -18.74 -1.94 -12.09
N SER A 184 -18.19 -2.78 -12.95
CA SER A 184 -16.94 -2.47 -13.63
C SER A 184 -17.25 -2.17 -15.11
N SER A 185 -16.44 -1.32 -15.72
CA SER A 185 -16.70 -0.78 -17.04
C SER A 185 -15.48 -0.95 -17.92
N VAL A 186 -15.71 -1.40 -19.16
CA VAL A 186 -14.63 -1.67 -20.10
C VAL A 186 -14.94 -1.02 -21.44
N THR A 187 -13.90 -0.58 -22.13
CA THR A 187 -14.04 0.11 -23.40
C THR A 187 -13.01 -0.37 -24.42
N VAL A 188 -13.52 -0.86 -25.56
CA VAL A 188 -12.69 -1.35 -26.67
C VAL A 188 -13.18 -0.69 -27.96
N PRO A 189 -12.38 -0.71 -29.03
CA PRO A 189 -12.89 -0.31 -30.35
C PRO A 189 -14.04 -1.22 -30.80
N SER A 190 -15.03 -0.63 -31.46
CA SER A 190 -16.29 -1.32 -31.80
C SER A 190 -16.19 -2.34 -32.94
N SER A 191 -15.09 -2.30 -33.70
CA SER A 191 -14.78 -3.34 -34.67
C SER A 191 -14.33 -4.64 -33.97
N SER A 192 -13.68 -4.48 -32.82
CA SER A 192 -13.09 -5.59 -32.08
C SER A 192 -14.10 -6.42 -31.27
N TRP A 193 -15.39 -6.11 -31.38
CA TRP A 193 -16.43 -6.80 -30.58
C TRP A 193 -17.68 -7.07 -31.43
N PRO A 194 -18.40 -8.19 -31.24
CA PRO A 194 -18.02 -9.33 -30.40
C PRO A 194 -17.09 -10.31 -31.09
N SER A 195 -16.80 -10.02 -32.36
CA SER A 195 -15.69 -10.60 -33.09
C SER A 195 -14.66 -11.19 -32.13
N GLU A 196 -14.13 -10.36 -31.24
CA GLU A 196 -13.13 -10.78 -30.25
C GLU A 196 -13.70 -10.66 -28.85
N THR A 197 -13.67 -11.78 -28.14
CA THR A 197 -14.34 -11.94 -26.85
C THR A 197 -13.91 -10.90 -25.80
N VAL A 198 -14.85 -10.53 -24.94
CA VAL A 198 -14.62 -9.61 -23.83
C VAL A 198 -15.31 -10.15 -22.57
N THR A 199 -14.49 -10.67 -21.65
CA THR A 199 -14.96 -11.38 -20.47
C THR A 199 -14.48 -10.71 -19.16
N CYS A 200 -15.43 -10.44 -18.27
CA CYS A 200 -15.11 -9.86 -16.97
C CYS A 200 -14.96 -10.99 -15.97
N ASN A 201 -13.87 -10.98 -15.20
CA ASN A 201 -13.62 -12.03 -14.20
C ASN A 201 -13.63 -11.42 -12.82
N VAL A 202 -14.34 -12.06 -11.91
CA VAL A 202 -14.63 -11.50 -10.60
C VAL A 202 -14.25 -12.47 -9.50
N ALA A 203 -13.07 -12.27 -8.91
CA ALA A 203 -12.67 -12.99 -7.70
C ALA A 203 -13.28 -12.32 -6.48
N HIS A 204 -13.84 -13.13 -5.59
CA HIS A 204 -14.34 -12.66 -4.30
C HIS A 204 -13.66 -13.48 -3.18
N PRO A 205 -12.50 -13.02 -2.72
CA PRO A 205 -11.67 -13.77 -1.76
C PRO A 205 -12.40 -14.36 -0.56
N ALA A 206 -13.30 -13.60 0.03
CA ALA A 206 -13.95 -14.04 1.26
C ALA A 206 -14.70 -15.35 1.10
N SER A 207 -15.28 -15.56 -0.08
CA SER A 207 -16.04 -16.79 -0.38
C SER A 207 -15.23 -17.75 -1.27
N SER A 208 -13.95 -17.43 -1.47
CA SER A 208 -13.05 -18.23 -2.32
C SER A 208 -13.63 -18.51 -3.71
N THR A 209 -14.55 -17.66 -4.17
CA THR A 209 -15.16 -17.80 -5.48
C THR A 209 -14.37 -17.01 -6.50
N LYS A 210 -14.50 -17.37 -7.77
CA LYS A 210 -13.88 -16.65 -8.87
C LYS A 210 -14.62 -16.89 -10.18
N VAL A 211 -15.85 -16.37 -10.27
CA VAL A 211 -16.66 -16.52 -11.48
C VAL A 211 -16.24 -15.53 -12.55
N ASP A 212 -16.84 -15.68 -13.73
CA ASP A 212 -16.67 -14.72 -14.82
C ASP A 212 -17.76 -14.95 -15.85
N LYS A 213 -18.06 -13.95 -16.68
CA LYS A 213 -18.85 -14.21 -17.89
C LYS A 213 -18.49 -13.34 -19.06
N LYS A 214 -18.81 -13.90 -20.22
CA LYS A 214 -18.64 -13.25 -21.49
C LYS A 214 -19.67 -12.13 -21.58
N ILE A 215 -19.31 -11.06 -22.27
CA ILE A 215 -20.25 -10.01 -22.62
C ILE A 215 -20.66 -10.19 -24.09
N VAL A 216 -21.70 -10.98 -24.28
CA VAL A 216 -22.28 -11.20 -25.61
C VAL A 216 -23.34 -10.14 -25.89
N PRO A 217 -23.54 -9.81 -27.17
CA PRO A 217 -24.55 -8.82 -27.55
C PRO A 217 -25.96 -9.34 -27.36
N ARG A 218 -26.93 -8.44 -27.40
CA ARG A 218 -28.32 -8.78 -27.13
C ARG A 218 -29.05 -9.37 -28.36
N ASP A 219 -30.01 -10.27 -28.09
CA ASP A 219 -30.87 -10.92 -29.12
C ASP A 219 -30.14 -11.26 -30.43
N ASP B 1 7.49 9.04 19.77
CA ASP B 1 7.18 9.23 18.31
C ASP B 1 7.67 10.54 17.75
N ILE B 2 8.44 10.45 16.67
CA ILE B 2 8.67 11.57 15.76
C ILE B 2 7.45 11.76 14.88
N LEU B 3 6.94 12.99 14.88
CA LEU B 3 5.81 13.40 14.05
C LEU B 3 6.30 13.98 12.73
N LEU B 4 5.68 13.53 11.65
CA LEU B 4 5.99 13.97 10.30
C LEU B 4 4.77 14.67 9.72
N THR B 5 4.94 15.90 9.23
CA THR B 5 3.83 16.73 8.79
C THR B 5 3.89 16.95 7.29
N GLN B 6 2.88 16.45 6.59
CA GLN B 6 2.79 16.63 5.16
C GLN B 6 1.68 17.62 4.82
N SER B 7 2.09 18.85 4.51
CA SER B 7 1.17 19.94 4.34
C SER B 7 1.60 20.72 3.09
N PRO B 8 0.71 20.91 2.11
CA PRO B 8 -0.72 20.59 2.20
C PRO B 8 -1.07 19.11 1.96
N ALA B 9 -2.32 18.77 2.30
CA ALA B 9 -2.85 17.41 2.14
C ALA B 9 -3.11 17.07 0.67
N ILE B 10 -3.59 18.05 -0.07
CA ILE B 10 -3.87 17.90 -1.47
C ILE B 10 -3.07 18.95 -2.21
N LEU B 11 -2.45 18.50 -3.30
CA LEU B 11 -1.60 19.34 -4.14
C LEU B 11 -2.19 19.19 -5.54
N SER B 12 -2.47 20.31 -6.19
CA SER B 12 -3.09 20.29 -7.51
C SER B 12 -2.28 21.09 -8.53
N VAL B 13 -1.75 20.39 -9.53
CA VAL B 13 -0.84 20.98 -10.48
C VAL B 13 -1.32 20.62 -11.89
N SER B 14 -0.69 21.19 -12.90
CA SER B 14 -1.09 20.96 -14.29
C SER B 14 -0.16 19.97 -15.01
N PRO B 15 -0.69 19.28 -16.02
CA PRO B 15 0.03 18.20 -16.66
C PRO B 15 1.42 18.64 -17.08
N GLY B 16 2.41 17.79 -16.84
CA GLY B 16 3.80 18.06 -17.24
C GLY B 16 4.54 19.09 -16.39
N GLU B 17 3.86 19.75 -15.48
CA GLU B 17 4.52 20.69 -14.58
C GLU B 17 5.39 19.90 -13.59
N ARG B 18 6.18 20.62 -12.79
CA ARG B 18 6.99 19.99 -11.76
C ARG B 18 6.24 20.24 -10.45
N VAL B 19 6.25 19.26 -9.55
CA VAL B 19 5.55 19.34 -8.28
C VAL B 19 6.44 18.91 -7.11
N SER B 20 6.21 19.51 -5.94
CA SER B 20 7.00 19.25 -4.75
C SER B 20 6.12 19.00 -3.54
N PHE B 21 6.28 17.82 -2.93
CA PHE B 21 5.59 17.50 -1.68
C PHE B 21 6.58 17.69 -0.55
N SER B 22 6.16 18.27 0.56
CA SER B 22 7.07 18.43 1.66
C SER B 22 6.71 17.53 2.84
N CYS B 23 7.75 17.06 3.53
CA CYS B 23 7.60 16.36 4.76
C CYS B 23 8.43 17.11 5.80
N ARG B 24 7.77 17.65 6.83
CA ARG B 24 8.49 18.28 7.94
C ARG B 24 8.48 17.40 9.20
N ALA B 25 9.65 17.16 9.79
CA ALA B 25 9.79 16.28 10.96
C ALA B 25 9.90 17.06 12.28
N SER B 26 9.25 16.56 13.31
CA SER B 26 9.16 17.24 14.60
C SER B 26 10.52 17.41 15.31
N GLN B 27 11.50 16.62 14.91
CA GLN B 27 12.86 16.84 15.33
C GLN B 27 13.80 16.44 14.21
N SER B 28 15.10 16.65 14.42
CA SER B 28 16.09 16.52 13.36
C SER B 28 16.49 15.06 13.18
N ILE B 29 16.35 14.57 11.96
CA ILE B 29 16.51 13.14 11.69
C ILE B 29 17.49 12.82 10.55
N GLY B 30 18.39 13.75 10.25
CA GLY B 30 19.40 13.56 9.23
C GLY B 30 18.76 13.42 7.87
N THR B 31 19.02 12.29 7.22
CA THR B 31 18.38 11.98 5.94
C THR B 31 17.54 10.72 6.05
N ASP B 32 17.23 10.32 7.28
CA ASP B 32 16.49 9.09 7.49
C ASP B 32 15.02 9.26 7.19
N ILE B 33 14.70 9.55 5.94
CA ILE B 33 13.32 9.69 5.53
C ILE B 33 13.14 8.93 4.22
N HIS B 34 11.98 8.30 4.04
CA HIS B 34 11.72 7.47 2.87
C HIS B 34 10.35 7.76 2.36
N TRP B 35 10.20 7.72 1.04
CA TRP B 35 8.99 8.16 0.38
C TRP B 35 8.29 7.00 -0.34
N TYR B 36 6.96 6.88 -0.14
CA TYR B 36 6.14 5.86 -0.79
C TYR B 36 4.99 6.44 -1.60
N GLN B 37 4.66 5.74 -2.69
CA GLN B 37 3.50 6.02 -3.55
C GLN B 37 2.41 5.00 -3.25
N GLN B 38 1.15 5.44 -3.14
CA GLN B 38 0.04 4.50 -3.10
C GLN B 38 -1.15 4.95 -3.98
N ARG B 39 -1.31 4.27 -5.10
CA ARG B 39 -2.46 4.48 -5.98
C ARG B 39 -3.69 3.80 -5.41
N THR B 40 -4.84 4.26 -5.89
CA THR B 40 -6.15 3.77 -5.49
C THR B 40 -6.15 2.26 -5.56
N ASN B 41 -6.41 1.59 -4.44
CA ASN B 41 -6.41 0.10 -4.33
C ASN B 41 -5.05 -0.57 -4.23
N GLY B 42 -3.99 0.10 -4.69
CA GLY B 42 -2.66 -0.49 -4.65
C GLY B 42 -2.12 -0.45 -3.24
N SER B 43 -1.02 -1.16 -3.01
CA SER B 43 -0.29 -1.05 -1.75
C SER B 43 0.86 -0.07 -1.97
N PRO B 44 1.48 0.42 -0.89
CA PRO B 44 2.56 1.38 -1.01
C PRO B 44 3.76 0.86 -1.79
N ARG B 45 4.38 1.72 -2.58
CA ARG B 45 5.53 1.39 -3.41
C ARG B 45 6.65 2.37 -3.07
N LEU B 46 7.79 1.86 -2.62
CA LEU B 46 8.92 2.70 -2.20
C LEU B 46 9.47 3.44 -3.39
N LEU B 47 9.39 4.77 -3.37
CA LEU B 47 9.93 5.57 -4.48
C LEU B 47 11.37 6.00 -4.26
N ILE B 48 11.61 6.61 -3.09
CA ILE B 48 12.90 7.22 -2.75
C ILE B 48 13.25 6.85 -1.32
N LYS B 49 14.52 6.55 -1.08
CA LYS B 49 14.98 6.16 0.26
C LYS B 49 16.10 7.08 0.73
N TYR B 50 16.23 7.22 2.05
CA TYR B 50 17.22 8.10 2.65
C TYR B 50 17.22 9.47 1.97
N ALA B 51 16.03 10.06 1.83
CA ALA B 51 15.84 11.43 1.33
C ALA B 51 16.02 11.61 -0.17
N SER B 52 17.05 11.01 -0.75
CA SER B 52 17.37 11.29 -2.16
C SER B 52 17.77 10.08 -3.00
N GLU B 53 17.92 8.91 -2.40
CA GLU B 53 18.46 7.78 -3.14
C GLU B 53 17.38 7.10 -3.97
N SER B 54 17.66 6.95 -5.25
CA SER B 54 16.72 6.35 -6.20
C SER B 54 16.61 4.84 -6.03
N ILE B 55 15.49 4.31 -6.51
CA ILE B 55 15.17 2.89 -6.42
C ILE B 55 15.00 2.34 -7.83
N SER B 56 15.49 1.12 -8.05
CA SER B 56 15.32 0.44 -9.33
C SER B 56 13.84 0.31 -9.66
N GLY B 57 13.46 0.63 -10.88
CA GLY B 57 12.08 0.52 -11.29
C GLY B 57 11.30 1.81 -11.16
N ILE B 58 11.92 2.87 -10.66
CA ILE B 58 11.24 4.17 -10.50
C ILE B 58 11.68 5.13 -11.61
N PRO B 59 10.74 5.78 -12.27
CA PRO B 59 11.06 6.83 -13.23
C PRO B 59 12.01 7.91 -12.72
N SER B 60 12.99 8.22 -13.54
CA SER B 60 13.94 9.33 -13.34
C SER B 60 13.35 10.62 -12.81
N ARG B 61 12.11 10.94 -13.20
CA ARG B 61 11.52 12.23 -12.83
C ARG B 61 11.15 12.38 -11.35
N PHE B 62 11.24 11.26 -10.61
CA PHE B 62 11.18 11.27 -9.14
C PHE B 62 12.54 11.54 -8.50
N SER B 63 12.57 12.50 -7.59
CA SER B 63 13.76 12.79 -6.84
C SER B 63 13.37 13.37 -5.51
N GLY B 64 14.32 13.40 -4.60
CA GLY B 64 14.08 13.85 -3.24
C GLY B 64 15.24 14.67 -2.74
N SER B 65 14.96 15.53 -1.75
CA SER B 65 15.98 16.40 -1.19
C SER B 65 15.63 16.71 0.25
N GLY B 66 16.59 17.28 0.97
CA GLY B 66 16.38 17.72 2.32
C GLY B 66 17.27 16.97 3.30
N SER B 67 17.36 17.53 4.50
CA SER B 67 18.00 16.86 5.61
C SER B 67 17.54 17.56 6.88
N GLY B 68 17.64 16.88 8.02
CA GLY B 68 17.28 17.43 9.31
C GLY B 68 15.79 17.33 9.57
N THR B 69 15.08 18.43 9.36
CA THR B 69 13.65 18.46 9.58
C THR B 69 12.87 18.83 8.33
N ASP B 70 13.55 19.15 7.23
CA ASP B 70 12.85 19.54 6.02
C ASP B 70 13.15 18.65 4.82
N PHE B 71 12.10 18.14 4.19
CA PHE B 71 12.23 17.14 3.14
C PHE B 71 11.25 17.39 2.03
N THR B 72 11.66 17.00 0.83
CA THR B 72 10.93 17.32 -0.37
C THR B 72 10.97 16.15 -1.33
N LEU B 73 9.80 15.79 -1.85
CA LEU B 73 9.70 14.80 -2.92
C LEU B 73 9.24 15.53 -4.16
N SER B 74 10.00 15.39 -5.23
CA SER B 74 9.71 16.14 -6.43
C SER B 74 9.48 15.23 -7.61
N ILE B 75 8.52 15.61 -8.44
CA ILE B 75 8.28 14.94 -9.71
C ILE B 75 8.53 15.95 -10.83
N ASN B 76 9.57 15.72 -11.63
CA ASN B 76 9.74 16.50 -12.86
C ASN B 76 8.67 16.05 -13.85
N SER B 77 7.84 16.97 -14.34
CA SER B 77 6.94 16.63 -15.45
C SER B 77 5.85 15.62 -15.06
N VAL B 78 4.97 16.08 -14.18
CA VAL B 78 3.84 15.31 -13.71
C VAL B 78 3.04 14.71 -14.86
N GLU B 79 2.54 13.49 -14.66
CA GLU B 79 1.65 12.90 -15.62
C GLU B 79 0.66 11.99 -14.91
N SER B 80 -0.40 11.66 -15.60
CA SER B 80 -1.55 10.98 -15.04
C SER B 80 -1.21 9.81 -14.11
N GLU B 81 -0.23 8.99 -14.49
CA GLU B 81 0.11 7.81 -13.69
C GLU B 81 0.63 8.19 -12.30
N ASP B 82 1.06 9.44 -12.13
CA ASP B 82 1.52 9.97 -10.83
C ASP B 82 0.42 10.32 -9.87
N ILE B 83 -0.82 10.26 -10.33
CA ILE B 83 -1.93 10.56 -9.46
C ILE B 83 -1.98 9.44 -8.43
N ALA B 84 -1.85 9.82 -7.16
CA ALA B 84 -1.67 8.87 -6.06
C ALA B 84 -1.67 9.60 -4.71
N ASN B 85 -1.60 8.85 -3.60
CA ASN B 85 -1.24 9.44 -2.32
C ASN B 85 0.24 9.27 -2.13
N TYR B 86 0.86 10.22 -1.46
CA TYR B 86 2.29 10.15 -1.19
C TYR B 86 2.62 10.28 0.30
N TYR B 87 3.33 9.30 0.85
CA TYR B 87 3.67 9.25 2.26
C TYR B 87 5.16 9.36 2.48
N CYS B 88 5.55 10.03 3.56
CA CYS B 88 6.92 10.01 4.05
C CYS B 88 6.99 9.12 5.28
N GLN B 89 8.18 8.65 5.63
CA GLN B 89 8.37 7.70 6.72
C GLN B 89 9.80 7.74 7.28
N GLN B 90 9.94 7.86 8.60
CA GLN B 90 11.26 8.05 9.22
C GLN B 90 11.77 6.79 9.91
N SER B 91 13.09 6.60 9.87
CA SER B 91 13.76 5.48 10.50
C SER B 91 14.89 5.95 11.43
N ASN B 92 14.86 7.20 11.83
CA ASN B 92 15.86 7.74 12.72
C ASN B 92 15.75 7.22 14.13
N ARG B 93 14.52 7.19 14.64
CA ARG B 93 14.24 6.79 16.01
C ARG B 93 13.07 5.84 16.07
N TRP B 94 13.05 4.99 17.09
CA TRP B 94 11.96 4.06 17.28
C TRP B 94 10.78 4.74 17.97
N PRO B 95 9.55 4.42 17.60
CA PRO B 95 9.21 3.59 16.46
C PRO B 95 9.31 4.36 15.17
N PHE B 96 9.29 3.64 14.05
CA PHE B 96 9.16 4.28 12.74
C PHE B 96 7.82 4.95 12.69
N THR B 97 7.72 6.04 11.95
CA THR B 97 6.44 6.73 11.84
C THR B 97 6.18 7.12 10.41
N PHE B 98 4.95 7.54 10.17
CA PHE B 98 4.52 7.91 8.85
C PHE B 98 3.95 9.31 8.85
N GLY B 99 4.10 10.00 7.72
CA GLY B 99 3.35 11.21 7.44
C GLY B 99 1.88 10.92 7.15
N SER B 100 1.07 11.97 7.22
CA SER B 100 -0.38 11.87 7.07
C SER B 100 -0.80 11.61 5.62
N GLY B 101 0.08 11.95 4.69
CA GLY B 101 -0.16 11.66 3.29
C GLY B 101 -0.54 12.91 2.52
N THR B 102 -0.08 12.99 1.29
CA THR B 102 -0.46 14.05 0.39
C THR B 102 -0.97 13.44 -0.90
N LYS B 103 -2.16 13.87 -1.34
CA LYS B 103 -2.74 13.40 -2.58
C LYS B 103 -2.40 14.37 -3.70
N LEU B 104 -1.87 13.85 -4.80
CA LEU B 104 -1.62 14.65 -5.99
C LEU B 104 -2.83 14.54 -6.90
N GLU B 105 -3.24 15.67 -7.46
CA GLU B 105 -4.25 15.66 -8.52
C GLU B 105 -3.95 16.64 -9.64
N ILE B 106 -4.20 16.20 -10.86
CA ILE B 106 -3.84 16.95 -12.05
C ILE B 106 -5.01 17.74 -12.61
N LYS B 107 -4.72 18.91 -13.17
CA LYS B 107 -5.71 19.74 -13.84
C LYS B 107 -5.55 19.61 -15.36
N ARG B 108 -6.27 18.67 -15.94
CA ARG B 108 -6.30 18.49 -17.40
C ARG B 108 -7.40 19.37 -17.99
N ALA B 109 -7.48 19.41 -19.32
CA ALA B 109 -8.52 20.17 -20.02
C ALA B 109 -9.88 19.51 -19.78
N ASP B 110 -10.95 20.30 -19.88
CA ASP B 110 -12.30 19.78 -19.64
C ASP B 110 -12.64 18.70 -20.67
N ALA B 111 -13.58 17.85 -20.31
CA ALA B 111 -14.00 16.76 -21.15
C ALA B 111 -15.39 16.31 -20.73
N ALA B 112 -16.30 16.25 -21.68
CA ALA B 112 -17.67 15.86 -21.39
C ALA B 112 -17.73 14.34 -21.18
N PRO B 113 -18.74 13.86 -20.45
CA PRO B 113 -18.84 12.43 -20.18
C PRO B 113 -19.30 11.61 -21.37
N THR B 114 -18.87 10.36 -21.41
CA THR B 114 -19.45 9.37 -22.30
C THR B 114 -20.49 8.65 -21.49
N VAL B 115 -21.77 8.85 -21.85
CA VAL B 115 -22.88 8.21 -21.14
C VAL B 115 -23.29 6.93 -21.87
N SER B 116 -23.52 5.86 -21.12
CA SER B 116 -23.94 4.58 -21.66
C SER B 116 -25.02 4.06 -20.76
N ILE B 117 -26.17 3.72 -21.34
CA ILE B 117 -27.29 3.18 -20.58
C ILE B 117 -27.30 1.66 -20.78
N PHE B 118 -27.82 0.94 -19.80
CA PHE B 118 -27.78 -0.52 -19.82
C PHE B 118 -29.06 -1.15 -19.27
N PRO B 119 -29.76 -1.93 -20.09
CA PRO B 119 -30.91 -2.70 -19.61
C PRO B 119 -30.48 -3.87 -18.73
N PRO B 120 -31.31 -4.26 -17.76
CA PRO B 120 -31.05 -5.42 -16.93
C PRO B 120 -30.75 -6.67 -17.73
N SER B 121 -30.01 -7.58 -17.14
CA SER B 121 -29.70 -8.83 -17.78
C SER B 121 -30.89 -9.76 -17.61
N SER B 122 -31.09 -10.65 -18.58
CA SER B 122 -32.14 -11.67 -18.47
C SER B 122 -31.84 -12.61 -17.29
N GLU B 123 -30.55 -12.84 -17.03
CA GLU B 123 -30.14 -13.61 -15.86
C GLU B 123 -30.64 -12.92 -14.59
N GLN B 124 -30.45 -11.60 -14.52
CA GLN B 124 -30.91 -10.83 -13.35
C GLN B 124 -32.42 -10.97 -13.15
N LEU B 125 -33.19 -10.77 -14.22
CA LEU B 125 -34.66 -10.75 -14.13
C LEU B 125 -35.21 -12.04 -13.49
N THR B 126 -34.76 -13.20 -13.99
CA THR B 126 -35.03 -14.52 -13.39
C THR B 126 -34.99 -14.50 -11.85
N SER B 127 -33.98 -13.84 -11.30
CA SER B 127 -33.81 -13.76 -9.84
C SER B 127 -34.90 -12.95 -9.11
N GLY B 128 -35.72 -12.21 -9.87
CA GLY B 128 -36.76 -11.35 -9.31
C GLY B 128 -36.35 -9.87 -9.20
N GLY B 129 -35.24 -9.50 -9.84
CA GLY B 129 -34.68 -8.15 -9.72
C GLY B 129 -34.26 -7.53 -11.04
N ALA B 130 -34.23 -6.19 -11.08
CA ALA B 130 -33.88 -5.43 -12.30
C ALA B 130 -33.03 -4.19 -11.98
N SER B 131 -31.83 -4.14 -12.60
CA SER B 131 -30.90 -3.04 -12.41
C SER B 131 -30.58 -2.37 -13.74
N VAL B 132 -30.98 -1.13 -13.84
CA VAL B 132 -30.60 -0.32 -14.97
C VAL B 132 -29.36 0.41 -14.52
N VAL B 133 -28.28 0.23 -15.26
CA VAL B 133 -26.97 0.80 -14.90
C VAL B 133 -26.61 1.88 -15.91
N CYS B 134 -26.13 3.02 -15.43
CA CYS B 134 -25.71 4.07 -16.33
C CYS B 134 -24.28 4.54 -16.01
N PHE B 135 -23.43 4.63 -17.04
CA PHE B 135 -22.05 5.06 -16.84
C PHE B 135 -21.77 6.44 -17.39
N LEU B 136 -21.35 7.33 -16.51
CA LEU B 136 -20.85 8.65 -16.88
C LEU B 136 -19.32 8.57 -16.81
N ASN B 137 -18.67 8.46 -17.97
CA ASN B 137 -17.27 8.08 -18.03
C ASN B 137 -16.36 9.13 -18.65
N ASN B 138 -15.21 9.34 -17.99
CA ASN B 138 -14.11 10.18 -18.47
C ASN B 138 -14.44 11.66 -18.62
N PHE B 139 -15.00 12.22 -17.56
CA PHE B 139 -15.33 13.64 -17.54
C PHE B 139 -14.42 14.41 -16.60
N TYR B 140 -14.31 15.70 -16.84
CA TYR B 140 -13.52 16.61 -16.02
C TYR B 140 -14.05 18.00 -16.29
N PRO B 141 -14.32 18.81 -15.28
CA PRO B 141 -14.22 18.48 -13.83
C PRO B 141 -15.10 17.34 -13.28
N LYS B 142 -14.99 17.14 -11.98
CA LYS B 142 -15.59 16.00 -11.27
C LYS B 142 -17.05 16.23 -10.90
N ASP B 143 -17.48 17.49 -10.95
CA ASP B 143 -18.86 17.83 -10.60
C ASP B 143 -19.75 17.39 -11.74
N ILE B 144 -20.77 16.61 -11.40
CA ILE B 144 -21.59 15.96 -12.40
C ILE B 144 -22.95 15.66 -11.80
N ASN B 145 -23.95 15.68 -12.65
CA ASN B 145 -25.32 15.46 -12.21
C ASN B 145 -25.98 14.38 -13.07
N VAL B 146 -26.65 13.44 -12.42
CA VAL B 146 -27.36 12.40 -13.14
C VAL B 146 -28.83 12.41 -12.73
N LYS B 147 -29.71 12.38 -13.71
CA LYS B 147 -31.14 12.30 -13.46
C LYS B 147 -31.70 11.07 -14.16
N TRP B 148 -32.62 10.40 -13.48
CA TRP B 148 -33.37 9.30 -14.06
C TRP B 148 -34.82 9.70 -14.33
N LYS B 149 -35.30 9.38 -15.53
CA LYS B 149 -36.73 9.50 -15.86
C LYS B 149 -37.27 8.10 -16.17
N ILE B 150 -38.52 7.86 -15.81
CA ILE B 150 -39.22 6.68 -16.30
C ILE B 150 -40.49 7.16 -17.00
N ASP B 151 -40.76 6.59 -18.17
CA ASP B 151 -41.89 6.99 -18.99
C ASP B 151 -42.04 8.52 -18.94
N GLY B 152 -40.93 9.22 -19.15
CA GLY B 152 -40.94 10.70 -19.19
C GLY B 152 -40.96 11.46 -17.87
N SER B 153 -41.28 10.77 -16.76
CA SER B 153 -41.32 11.40 -15.42
C SER B 153 -40.05 11.10 -14.59
N GLU B 154 -39.45 12.16 -14.03
CA GLU B 154 -38.25 12.03 -13.17
C GLU B 154 -38.42 10.99 -12.05
N ARG B 155 -37.33 10.25 -11.76
CA ARG B 155 -37.35 9.16 -10.78
C ARG B 155 -36.13 9.24 -9.86
N GLN B 156 -36.34 9.08 -8.55
CA GLN B 156 -35.26 9.19 -7.57
C GLN B 156 -35.07 7.92 -6.75
N ASN B 157 -36.17 7.36 -6.25
CA ASN B 157 -36.12 6.15 -5.43
C ASN B 157 -35.42 4.99 -6.14
N GLY B 158 -34.64 4.24 -5.35
CA GLY B 158 -33.95 3.05 -5.84
C GLY B 158 -32.75 3.35 -6.71
N VAL B 159 -32.13 4.53 -6.55
CA VAL B 159 -30.94 4.89 -7.32
C VAL B 159 -29.73 5.09 -6.41
N LEU B 160 -28.62 4.43 -6.76
CA LEU B 160 -27.37 4.48 -5.98
C LEU B 160 -26.21 4.89 -6.88
N ASN B 161 -25.51 5.96 -6.49
CA ASN B 161 -24.39 6.50 -7.26
C ASN B 161 -23.02 6.05 -6.73
N SER B 162 -21.96 6.33 -7.48
CA SER B 162 -20.61 5.94 -7.10
C SER B 162 -19.56 6.66 -7.95
N TRP B 163 -18.65 7.38 -7.32
CA TRP B 163 -17.61 8.13 -8.04
C TRP B 163 -16.26 7.48 -7.87
N THR B 164 -15.39 7.64 -8.88
CA THR B 164 -14.03 7.17 -8.80
C THR B 164 -13.14 8.31 -8.36
N ASP B 165 -12.00 8.00 -7.75
CA ASP B 165 -10.90 8.95 -7.57
C ASP B 165 -10.49 9.41 -8.95
N GLN B 166 -9.68 10.46 -9.04
CA GLN B 166 -9.18 10.85 -10.33
C GLN B 166 -8.50 9.64 -10.98
N ASP B 167 -8.72 9.48 -12.29
CA ASP B 167 -8.24 8.33 -13.02
C ASP B 167 -6.75 8.51 -13.35
N SER B 168 -5.95 7.50 -13.03
CA SER B 168 -4.50 7.58 -13.19
C SER B 168 -4.02 7.31 -14.61
N LYS B 169 -4.94 6.99 -15.52
CA LYS B 169 -4.61 6.85 -16.94
C LYS B 169 -4.65 8.18 -17.70
N ASP B 170 -5.68 8.99 -17.43
CA ASP B 170 -5.92 10.22 -18.20
C ASP B 170 -6.39 11.40 -17.37
N SER B 171 -6.18 11.36 -16.06
CA SER B 171 -6.56 12.47 -15.18
C SER B 171 -8.06 12.79 -15.21
N THR B 172 -8.91 11.83 -15.57
CA THR B 172 -10.36 12.11 -15.63
C THR B 172 -11.09 11.49 -14.46
N TYR B 173 -12.40 11.74 -14.42
CA TYR B 173 -13.28 11.10 -13.47
C TYR B 173 -14.34 10.28 -14.19
N SER B 174 -14.97 9.38 -13.43
CA SER B 174 -16.06 8.58 -13.95
C SER B 174 -17.05 8.35 -12.82
N MET B 175 -18.31 8.11 -13.20
CA MET B 175 -19.36 7.91 -12.23
C MET B 175 -20.35 6.88 -12.73
N SER B 176 -20.88 6.07 -11.82
CA SER B 176 -21.92 5.11 -12.14
C SER B 176 -23.21 5.47 -11.41
N SER B 177 -24.34 5.29 -12.09
CA SER B 177 -25.65 5.42 -11.45
C SER B 177 -26.51 4.21 -11.72
N THR B 178 -27.03 3.64 -10.64
CA THR B 178 -27.68 2.34 -10.69
C THR B 178 -29.09 2.35 -10.09
N LEU B 179 -30.07 2.35 -10.99
CA LEU B 179 -31.48 2.23 -10.63
C LEU B 179 -31.85 0.76 -10.44
N THR B 180 -32.21 0.40 -9.22
CA THR B 180 -32.62 -0.97 -8.91
C THR B 180 -34.13 -1.02 -8.77
N LEU B 181 -34.75 -2.04 -9.36
CA LEU B 181 -36.21 -2.23 -9.30
C LEU B 181 -36.53 -3.71 -9.13
N THR B 182 -37.79 -4.00 -8.79
CA THR B 182 -38.29 -5.39 -8.80
C THR B 182 -38.64 -5.77 -10.24
N LYS B 183 -38.43 -7.04 -10.60
CA LYS B 183 -38.79 -7.51 -11.93
C LYS B 183 -40.17 -6.96 -12.31
N ASP B 184 -41.14 -7.14 -11.42
CA ASP B 184 -42.51 -6.61 -11.63
C ASP B 184 -42.53 -5.09 -11.90
N GLU B 185 -42.01 -4.30 -10.96
CA GLU B 185 -41.95 -2.82 -11.07
C GLU B 185 -41.30 -2.40 -12.39
N TYR B 186 -40.24 -3.12 -12.75
CA TYR B 186 -39.56 -2.93 -14.01
C TYR B 186 -40.49 -3.32 -15.16
N GLU B 187 -41.13 -4.48 -15.02
CA GLU B 187 -42.01 -5.05 -16.06
C GLU B 187 -43.20 -4.15 -16.40
N ARG B 188 -43.67 -3.32 -15.45
CA ARG B 188 -44.78 -2.39 -15.72
C ARG B 188 -44.30 -0.94 -15.88
N HIS B 189 -43.42 -0.74 -16.87
CA HIS B 189 -42.88 0.57 -17.23
C HIS B 189 -42.07 0.41 -18.52
N ASN B 190 -42.14 1.41 -19.40
CA ASN B 190 -41.65 1.26 -20.77
C ASN B 190 -40.31 1.97 -21.06
N SER B 191 -40.32 3.30 -20.96
CA SER B 191 -39.15 4.12 -21.26
C SER B 191 -38.27 4.29 -20.00
N TYR B 192 -36.99 3.94 -20.13
CA TYR B 192 -36.00 4.21 -19.09
C TYR B 192 -34.92 5.12 -19.68
N THR B 193 -34.60 6.19 -18.97
CA THR B 193 -33.79 7.28 -19.53
C THR B 193 -32.84 7.90 -18.48
N CYS B 194 -31.58 8.04 -18.86
CA CYS B 194 -30.52 8.51 -17.99
C CYS B 194 -29.91 9.81 -18.54
N GLU B 195 -29.96 10.89 -17.76
CA GLU B 195 -29.56 12.22 -18.23
C GLU B 195 -28.44 12.82 -17.41
N ALA B 196 -27.38 13.24 -18.10
CA ALA B 196 -26.18 13.78 -17.47
C ALA B 196 -26.07 15.27 -17.76
N THR B 197 -25.85 16.06 -16.72
CA THR B 197 -25.60 17.49 -16.87
C THR B 197 -24.19 17.80 -16.36
N HIS B 198 -23.47 18.63 -17.09
CA HIS B 198 -22.06 18.85 -16.83
C HIS B 198 -21.60 20.19 -17.38
N LYS B 199 -20.51 20.70 -16.82
CA LYS B 199 -19.93 21.98 -17.21
C LYS B 199 -19.76 22.16 -18.73
N THR B 200 -19.39 21.09 -19.44
CA THR B 200 -19.06 21.15 -20.88
C THR B 200 -20.22 21.41 -21.84
N SER B 201 -21.45 21.26 -21.35
CA SER B 201 -22.65 21.45 -22.18
C SER B 201 -23.83 21.85 -21.31
N THR B 202 -24.48 22.96 -21.65
CA THR B 202 -25.64 23.46 -20.87
C THR B 202 -26.85 22.51 -20.96
N SER B 203 -26.99 21.88 -22.12
CA SER B 203 -28.02 20.87 -22.31
C SER B 203 -27.46 19.53 -21.84
N PRO B 204 -28.32 18.66 -21.32
CA PRO B 204 -27.87 17.39 -20.77
C PRO B 204 -27.62 16.33 -21.85
N ILE B 205 -26.57 15.54 -21.66
CA ILE B 205 -26.39 14.35 -22.48
C ILE B 205 -27.43 13.34 -22.00
N VAL B 206 -28.19 12.81 -22.95
CA VAL B 206 -29.36 11.98 -22.65
C VAL B 206 -29.27 10.68 -23.41
N LYS B 207 -29.36 9.57 -22.66
CA LYS B 207 -29.35 8.23 -23.24
C LYS B 207 -30.48 7.44 -22.59
N SER B 208 -31.20 6.68 -23.41
CA SER B 208 -32.39 5.98 -22.93
C SER B 208 -32.68 4.75 -23.78
N PHE B 209 -33.39 3.81 -23.16
CA PHE B 209 -33.86 2.61 -23.85
C PHE B 209 -35.33 2.36 -23.47
N ASN B 210 -36.10 1.86 -24.44
CA ASN B 210 -37.46 1.41 -24.20
C ASN B 210 -37.42 -0.10 -23.96
N ARG B 211 -38.32 -0.60 -23.13
CA ARG B 211 -38.19 -1.96 -22.62
C ARG B 211 -38.32 -3.05 -23.70
N ASN B 212 -38.42 -2.65 -24.97
CA ASN B 212 -38.43 -3.58 -26.10
C ASN B 212 -37.79 -2.95 -27.35
N SER C 22 55.70 -18.05 13.70
CA SER C 22 55.60 -16.66 14.25
C SER C 22 55.60 -16.65 15.78
N ALA C 23 56.11 -15.56 16.35
CA ALA C 23 56.04 -15.32 17.79
C ALA C 23 54.61 -15.10 18.33
N LEU C 24 54.40 -15.54 19.56
CA LEU C 24 53.12 -15.41 20.25
C LEU C 24 52.52 -14.00 20.16
N HIS C 25 53.33 -12.98 20.42
CA HIS C 25 52.82 -11.61 20.51
C HIS C 25 52.24 -11.11 19.19
N TRP C 26 52.75 -11.63 18.08
CA TRP C 26 52.22 -11.31 16.75
C TRP C 26 50.97 -12.10 16.43
N ARG C 27 50.95 -13.37 16.82
CA ARG C 27 49.76 -14.21 16.71
C ARG C 27 48.65 -13.59 17.51
N ALA C 28 48.92 -13.28 18.76
CA ALA C 28 47.94 -12.68 19.65
C ALA C 28 47.34 -11.42 19.05
N ALA C 29 48.20 -10.54 18.55
CA ALA C 29 47.75 -9.32 17.87
C ALA C 29 46.71 -9.68 16.81
N GLY C 30 47.13 -10.49 15.84
CA GLY C 30 46.24 -10.99 14.80
C GLY C 30 44.97 -11.61 15.34
N ALA C 31 45.11 -12.46 16.35
CA ALA C 31 43.96 -13.12 16.93
C ALA C 31 43.00 -12.05 17.44
N ALA C 32 43.54 -11.11 18.21
CA ALA C 32 42.73 -10.03 18.77
C ALA C 32 42.00 -9.27 17.67
N THR C 33 42.67 -9.00 16.56
CA THR C 33 42.03 -8.31 15.43
C THR C 33 40.82 -9.10 14.95
N VAL C 34 40.98 -10.40 14.81
CA VAL C 34 39.90 -11.27 14.38
C VAL C 34 38.78 -11.28 15.41
N LEU C 35 39.16 -11.29 16.68
CA LEU C 35 38.21 -11.32 17.78
C LEU C 35 37.46 -10.00 17.81
N LEU C 36 38.17 -8.90 17.60
CA LEU C 36 37.56 -7.58 17.65
C LEU C 36 36.49 -7.44 16.57
N VAL C 37 36.85 -7.77 15.33
CA VAL C 37 35.93 -7.65 14.23
C VAL C 37 34.67 -8.49 14.47
N ILE C 38 34.83 -9.72 14.95
CA ILE C 38 33.67 -10.53 15.35
C ILE C 38 32.82 -9.78 16.36
N VAL C 39 33.46 -9.23 17.39
CA VAL C 39 32.72 -8.51 18.44
C VAL C 39 31.93 -7.34 17.84
N LEU C 40 32.54 -6.59 16.92
CA LEU C 40 31.90 -5.44 16.30
C LEU C 40 30.64 -5.85 15.55
N LEU C 41 30.75 -6.92 14.77
CA LEU C 41 29.62 -7.43 14.01
C LEU C 41 28.52 -7.95 14.94
N ALA C 42 28.80 -9.00 15.67
CA ALA C 42 27.87 -9.51 16.66
C ALA C 42 27.21 -8.37 17.41
N GLY C 43 28.03 -7.45 17.91
CA GLY C 43 27.57 -6.37 18.76
C GLY C 43 26.59 -5.43 18.08
N SER C 44 26.87 -5.05 16.83
CA SER C 44 25.96 -4.14 16.15
C SER C 44 24.61 -4.83 15.88
N TYR C 45 24.66 -6.11 15.56
CA TYR C 45 23.43 -6.89 15.34
C TYR C 45 22.65 -7.03 16.64
N LEU C 46 23.33 -7.28 17.74
CA LEU C 46 22.66 -7.41 19.04
C LEU C 46 22.16 -6.07 19.58
N ALA C 47 22.93 -5.01 19.35
CA ALA C 47 22.53 -3.66 19.77
C ALA C 47 21.18 -3.25 19.17
N VAL C 48 21.00 -3.50 17.87
CA VAL C 48 19.75 -3.20 17.17
C VAL C 48 18.60 -3.99 17.76
N LEU C 49 18.88 -5.26 18.01
CA LEU C 49 17.92 -6.16 18.62
C LEU C 49 17.50 -5.64 19.98
N ALA C 50 18.45 -5.22 20.80
CA ALA C 50 18.14 -4.71 22.14
C ALA C 50 17.43 -3.34 22.16
N GLU C 51 17.65 -2.53 21.13
CA GLU C 51 17.24 -1.13 21.16
C GLU C 51 15.85 -0.88 20.56
N ARG C 52 15.51 -1.62 19.49
CA ARG C 52 14.18 -1.51 18.91
C ARG C 52 13.14 -1.89 19.96
N GLY C 53 12.15 -1.03 20.15
CA GLY C 53 11.20 -1.18 21.24
C GLY C 53 11.36 -0.15 22.34
N ALA C 54 12.53 0.49 22.40
CA ALA C 54 12.78 1.60 23.29
C ALA C 54 12.51 2.95 22.59
N PRO C 55 11.44 3.63 22.96
CA PRO C 55 11.13 4.93 22.38
C PRO C 55 12.31 5.88 22.37
N GLY C 56 12.51 6.58 21.27
CA GLY C 56 13.60 7.54 21.15
C GLY C 56 14.96 6.96 20.79
N ALA C 57 15.06 5.64 20.64
CA ALA C 57 16.32 4.99 20.34
C ALA C 57 16.76 5.20 18.88
N GLN C 58 18.05 5.46 18.70
CA GLN C 58 18.64 5.66 17.38
C GLN C 58 19.45 4.49 16.92
N LEU C 59 19.86 3.61 17.84
CA LEU C 59 20.74 2.51 17.50
C LEU C 59 19.91 1.33 16.98
N ILE C 60 19.16 1.57 15.89
CA ILE C 60 18.13 0.64 15.43
C ILE C 60 18.22 0.15 13.97
N THR C 61 19.27 0.51 13.24
CA THR C 61 19.53 -0.12 11.95
C THR C 61 20.94 -0.67 11.94
N TYR C 62 21.21 -1.62 11.08
CA TYR C 62 22.51 -2.31 11.13
C TYR C 62 23.70 -1.46 10.67
N PRO C 63 23.62 -0.85 9.49
CA PRO C 63 24.74 -0.02 9.02
C PRO C 63 25.25 0.95 10.08
N ARG C 64 24.39 1.80 10.64
CA ARG C 64 24.90 2.78 11.57
C ARG C 64 25.28 2.16 12.92
N ALA C 65 24.60 1.08 13.30
CA ALA C 65 24.99 0.30 14.48
C ALA C 65 26.42 -0.25 14.39
N LEU C 66 26.82 -0.69 13.20
CA LEU C 66 28.17 -1.17 12.99
C LEU C 66 29.19 -0.03 13.12
N TRP C 67 28.87 1.11 12.52
CA TRP C 67 29.64 2.33 12.71
C TRP C 67 29.68 2.71 14.19
N TRP C 68 28.59 2.48 14.90
CA TRP C 68 28.56 2.74 16.33
C TRP C 68 29.50 1.79 17.09
N SER C 69 29.62 0.56 16.58
CA SER C 69 30.54 -0.41 17.19
C SER C 69 31.98 0.06 17.13
N VAL C 70 32.36 0.58 15.96
CA VAL C 70 33.71 1.05 15.75
C VAL C 70 33.97 2.27 16.59
N GLU C 71 33.02 3.19 16.65
CA GLU C 71 33.16 4.38 17.49
C GLU C 71 33.40 3.95 18.92
N THR C 72 32.61 2.97 19.35
CA THR C 72 32.62 2.49 20.72
C THR C 72 33.93 1.82 21.08
N ALA C 73 34.44 0.98 20.19
CA ALA C 73 35.60 0.16 20.51
C ALA C 73 36.86 0.98 20.46
N THR C 74 36.88 1.98 19.58
CA THR C 74 37.98 2.94 19.54
C THR C 74 37.86 4.06 20.58
N THR C 75 36.72 4.19 21.24
CA THR C 75 36.38 5.37 22.05
C THR C 75 36.60 6.72 21.35
N VAL C 76 36.28 6.81 20.07
CA VAL C 76 36.56 8.04 19.31
C VAL C 76 35.79 9.26 19.88
N GLY C 77 34.60 9.01 20.42
CA GLY C 77 33.91 9.99 21.23
C GLY C 77 33.10 11.06 20.53
N TYR C 78 32.57 10.74 19.34
CA TYR C 78 31.80 11.70 18.56
C TYR C 78 30.45 11.99 19.16
N GLY C 79 29.98 11.09 20.02
CA GLY C 79 28.69 11.20 20.66
C GLY C 79 27.45 11.30 19.79
N ASP C 80 27.51 10.80 18.55
CA ASP C 80 26.33 10.85 17.64
C ASP C 80 25.33 9.71 17.81
N LEU C 81 25.76 8.61 18.41
CA LEU C 81 24.88 7.47 18.65
C LEU C 81 25.25 6.76 19.93
N TYR C 82 24.25 6.32 20.70
CA TYR C 82 24.51 5.56 21.91
C TYR C 82 23.26 4.81 22.32
N PRO C 83 23.41 3.71 23.06
CA PRO C 83 22.29 2.90 23.48
C PRO C 83 21.55 3.53 24.62
N VAL C 84 20.26 3.26 24.70
CA VAL C 84 19.44 3.73 25.81
C VAL C 84 18.83 2.61 26.67
N THR C 85 18.81 1.37 26.17
CA THR C 85 18.36 0.22 26.99
C THR C 85 19.50 -0.38 27.79
N LEU C 86 19.14 -1.16 28.80
CA LEU C 86 20.10 -1.84 29.64
C LEU C 86 20.92 -2.87 28.85
N TRP C 87 20.25 -3.66 28.02
CA TRP C 87 20.95 -4.67 27.23
C TRP C 87 21.81 -4.04 26.14
N GLY C 88 21.39 -2.91 25.59
CA GLY C 88 22.20 -2.18 24.63
C GLY C 88 23.44 -1.66 25.31
N ARG C 89 23.28 -1.20 26.54
CA ARG C 89 24.39 -0.71 27.32
C ARG C 89 25.36 -1.81 27.69
N CYS C 90 24.85 -2.97 28.07
CA CYS C 90 25.67 -4.19 28.25
C CYS C 90 26.48 -4.52 27.01
N VAL C 91 25.81 -4.53 25.86
CA VAL C 91 26.47 -4.83 24.62
C VAL C 91 27.63 -3.84 24.44
N ALA C 92 27.36 -2.58 24.74
CA ALA C 92 28.35 -1.55 24.53
C ALA C 92 29.57 -1.76 25.40
N VAL C 93 29.36 -2.26 26.63
CA VAL C 93 30.48 -2.46 27.55
C VAL C 93 31.41 -3.56 27.02
N VAL C 94 30.83 -4.57 26.40
CA VAL C 94 31.62 -5.65 25.84
C VAL C 94 32.49 -5.12 24.70
N VAL C 95 31.94 -4.18 23.94
CA VAL C 95 32.63 -3.67 22.78
C VAL C 95 33.73 -2.70 23.18
N MET C 96 33.51 -1.94 24.26
CA MET C 96 34.52 -1.02 24.78
C MET C 96 35.72 -1.83 25.23
N VAL C 97 35.44 -2.82 26.07
CA VAL C 97 36.48 -3.63 26.67
C VAL C 97 37.21 -4.38 25.58
N ALA C 98 36.48 -4.93 24.61
CA ALA C 98 37.09 -5.61 23.49
C ALA C 98 38.08 -4.69 22.80
N GLY C 99 37.61 -3.51 22.43
CA GLY C 99 38.44 -2.51 21.74
C GLY C 99 39.64 -2.03 22.54
N ILE C 100 39.39 -1.62 23.77
CA ILE C 100 40.44 -1.08 24.62
C ILE C 100 41.53 -2.12 24.87
N THR C 101 41.13 -3.32 25.23
CA THR C 101 42.05 -4.43 25.47
C THR C 101 42.87 -4.80 24.23
N SER C 102 42.16 -5.02 23.11
CA SER C 102 42.75 -5.33 21.81
C SER C 102 43.81 -4.34 21.35
N PHE C 103 43.46 -3.05 21.27
CA PHE C 103 44.45 -2.01 20.94
C PHE C 103 45.57 -1.95 21.98
N GLY C 104 45.24 -2.24 23.23
CA GLY C 104 46.26 -2.26 24.27
C GLY C 104 47.19 -3.44 24.05
N LEU C 105 46.61 -4.57 23.62
CA LEU C 105 47.40 -5.74 23.26
C LEU C 105 48.41 -5.44 22.16
N VAL C 106 48.04 -4.58 21.22
CA VAL C 106 48.96 -4.19 20.14
C VAL C 106 50.17 -3.42 20.68
N THR C 107 49.94 -2.53 21.64
CA THR C 107 51.05 -1.85 22.33
C THR C 107 51.96 -2.86 23.01
N ALA C 108 51.37 -3.86 23.66
CA ALA C 108 52.14 -4.91 24.33
C ALA C 108 52.98 -5.66 23.30
N ALA C 109 52.35 -6.08 22.22
CA ALA C 109 53.04 -6.77 21.13
C ALA C 109 54.21 -5.93 20.57
N LEU C 110 53.99 -4.62 20.42
CA LEU C 110 55.04 -3.73 19.94
C LEU C 110 56.16 -3.56 20.95
N ALA C 111 55.83 -3.59 22.24
CA ALA C 111 56.85 -3.44 23.29
C ALA C 111 57.74 -4.66 23.33
N THR C 112 57.14 -5.82 23.09
CA THR C 112 57.87 -7.09 23.11
C THR C 112 58.91 -7.17 22.01
N TRP C 113 58.57 -6.64 20.85
CA TRP C 113 59.46 -6.55 19.73
C TRP C 113 60.63 -5.62 20.07
N PHE C 114 60.31 -4.38 20.44
CA PHE C 114 61.31 -3.38 20.78
C PHE C 114 62.26 -3.89 21.87
N VAL C 115 61.72 -4.59 22.86
CA VAL C 115 62.51 -5.13 23.97
C VAL C 115 63.46 -6.25 23.52
N GLY C 116 62.96 -7.17 22.69
CA GLY C 116 63.80 -8.20 22.07
C GLY C 116 64.94 -7.62 21.24
N ARG C 117 64.65 -6.57 20.50
CA ARG C 117 65.63 -5.91 19.63
C ARG C 117 66.75 -5.24 20.38
N GLU C 118 66.41 -4.64 21.50
CA GLU C 118 67.35 -3.90 22.32
C GLU C 118 68.31 -4.89 23.03
N GLN C 119 67.80 -6.08 23.40
CA GLN C 119 68.66 -7.14 23.97
C GLN C 119 69.72 -7.57 22.95
N GLU C 120 69.29 -7.69 21.69
CA GLU C 120 70.18 -8.02 20.59
C GLU C 120 71.24 -6.92 20.38
N ARG C 121 70.75 -5.70 20.23
CA ARG C 121 71.62 -4.55 20.00
C ARG C 121 72.60 -4.34 21.16
N ARG C 122 72.32 -4.96 22.31
CA ARG C 122 73.12 -4.84 23.53
C ARG C 122 74.10 -6.00 23.68
N GLY C 123 74.02 -6.98 22.79
CA GLY C 123 74.80 -8.20 22.95
C GLY C 123 74.36 -9.09 24.12
N HIS C 124 73.10 -8.97 24.54
CA HIS C 124 72.57 -9.75 25.65
C HIS C 124 71.75 -10.91 25.14
TL TL D . 38.67 8.44 24.42
CO CO E . 69.14 -11.86 30.64
N1 TBA F . 42.76 5.70 25.46
N1 TBA F . 42.94 5.74 25.45
C11 TBA F . 42.47 7.03 26.08
C11 TBA F . 44.07 6.11 26.35
C12 TBA F . 43.61 7.50 27.01
C12 TBA F . 43.83 7.43 27.10
C21 TBA F . 43.94 5.80 24.67
C21 TBA F . 41.76 5.61 26.25
C22 TBA F . 44.12 6.89 23.63
C22 TBA F . 41.65 4.54 27.34
C31 TBA F . 41.61 5.32 24.60
C31 TBA F . 43.25 4.44 24.82
C32 TBA F . 41.76 3.91 24.02
C32 TBA F . 42.21 4.04 23.77
C41 TBA F . 43.01 4.68 26.53
C41 TBA F . 42.72 6.80 24.43
C42 TBA F . 41.86 4.52 27.53
C42 TBA F . 44.01 7.16 23.66
C13 TBA F . 43.44 8.95 27.43
C13 TBA F . 45.00 7.82 27.97
C14 TBA F . 44.52 9.39 28.38
C14 TBA F . 44.73 9.14 28.66
C23 TBA F . 45.42 6.71 22.87
C23 TBA F . 40.44 4.78 28.22
C24 TBA F . 45.52 7.71 21.73
C24 TBA F . 40.42 3.86 29.42
C33 TBA F . 40.78 3.64 22.89
C33 TBA F . 42.15 2.53 23.56
C34 TBA F . 41.06 2.32 22.19
C34 TBA F . 41.18 2.18 22.44
C43 TBA F . 42.05 3.34 28.46
C43 TBA F . 43.72 7.86 22.35
C44 TBA F . 40.78 3.05 29.25
C44 TBA F . 44.97 8.06 21.52
#